data_2V84
#
_entry.id   2V84
#
_cell.length_a   51.610
_cell.length_b   86.270
_cell.length_c   89.500
_cell.angle_alpha   90.00
_cell.angle_beta   90.00
_cell.angle_gamma   90.00
#
_symmetry.space_group_name_H-M   'P 21 21 21'
#
loop_
_entity.id
_entity.type
_entity.pdbx_description
1 polymer 'SPERMIDINE/PUTRESCINE ABC TRANSPORTER, PERIPLASMIC BINDING PROTEIN'
2 non-polymer '2-(N-MORPHOLINO)-ETHANESULFONIC ACID'
3 non-polymer 'CHLORIDE ION'
4 water water
#
_entity_poly.entity_id   1
_entity_poly.type   'polypeptide(L)'
_entity_poly.pdbx_seq_one_letter_code
;MSGSHHHHHHSSGIEGRGRLQTRQDVLYLYNWTYYTPTSLIKKFEQQYNVQVVYDDYASNEDMFAKLSIGASGYDLVVPS
GDFVSIMKRKHLLEKIDLSKIPNVQFIKESVRARIAYDPKMEYSVPYYLGAAGIAVNKKAVPSYARTWSIFSRKDLAYRM
SMMDDMREVMGAALASLGYNVNTKNEQELAQAAILVTDHWKPNLVKFDSDGYAKSFASGDFVVAHGFAEAFFAETPEAMH
EHIDFFIPQDVASPVYVDSFCIPKGARNRDLAHAFINFFLEPAHYAEFLDTFGFPSTIHREAAAYQKKTPYYSEHDLERG
TLKTDVGAAIEHYNAHWNAVRFR
;
_entity_poly.pdbx_strand_id   A
#
# COMPACT_ATOMS: atom_id res chain seq x y z
N ASP A 25 -24.16 17.34 6.08
CA ASP A 25 -23.15 18.46 6.17
C ASP A 25 -21.81 18.01 6.74
N VAL A 26 -21.74 16.78 7.25
CA VAL A 26 -20.47 16.20 7.67
C VAL A 26 -20.16 14.87 6.98
N LEU A 27 -18.93 14.77 6.47
CA LEU A 27 -18.41 13.52 5.92
C LEU A 27 -17.50 12.81 6.93
N TYR A 28 -17.84 11.58 7.26
CA TYR A 28 -17.04 10.75 8.16
C TYR A 28 -16.03 9.90 7.35
N LEU A 29 -14.79 10.38 7.25
CA LEU A 29 -13.69 9.66 6.56
C LEU A 29 -12.85 8.83 7.51
N TYR A 30 -12.62 7.58 7.12
CA TYR A 30 -11.79 6.66 7.85
C TYR A 30 -10.66 6.15 6.94
N ASN A 31 -9.42 6.57 7.22
CA ASN A 31 -8.30 6.27 6.32
C ASN A 31 -7.02 6.12 7.13
N TRP A 32 -5.93 5.75 6.47
CA TRP A 32 -4.59 5.68 7.08
C TRP A 32 -4.17 7.09 7.46
N THR A 33 -3.43 7.20 8.56
CA THR A 33 -2.92 8.48 9.02
C THR A 33 -2.18 9.15 7.89
N TYR A 34 -2.50 10.41 7.66
CA TYR A 34 -1.84 11.27 6.66
C TYR A 34 -2.17 10.95 5.19
N TYR A 35 -2.82 9.82 4.93
CA TYR A 35 -3.03 9.31 3.55
C TYR A 35 -3.90 10.21 2.66
N THR A 36 -4.95 10.78 3.25
CA THR A 36 -5.63 11.93 2.64
C THR A 36 -5.00 13.25 3.14
N PRO A 37 -4.27 13.96 2.25
CA PRO A 37 -3.58 15.19 2.62
C PRO A 37 -4.56 16.25 3.15
N THR A 38 -4.34 16.70 4.39
CA THR A 38 -5.25 17.66 5.05
C THR A 38 -5.54 18.85 4.14
N SER A 39 -4.58 19.21 3.30
CA SER A 39 -4.73 20.32 2.36
C SER A 39 -5.90 20.10 1.41
N LEU A 40 -6.08 18.84 0.99
CA LEU A 40 -7.19 18.46 0.15
C LEU A 40 -8.51 18.41 0.92
N ILE A 41 -8.45 17.96 2.18
CA ILE A 41 -9.62 17.95 3.04
C ILE A 41 -10.18 19.36 3.29
N LYS A 42 -9.30 20.31 3.62
CA LYS A 42 -9.68 21.72 3.78
C LYS A 42 -10.39 22.26 2.53
N LYS A 43 -9.90 21.90 1.36
CA LYS A 43 -10.45 22.37 0.10
C LYS A 43 -11.84 21.83 -0.15
N PHE A 44 -12.05 20.55 0.14
CA PHE A 44 -13.36 19.93 0.03
C PHE A 44 -14.32 20.57 1.02
N GLU A 45 -13.80 20.89 2.19
CA GLU A 45 -14.58 21.56 3.23
C GLU A 45 -14.96 22.97 2.79
N GLN A 46 -14.02 23.70 2.23
CA GLN A 46 -14.31 25.05 1.78
C GLN A 46 -15.22 25.06 0.55
N GLN A 47 -14.99 24.13 -0.38
CA GLN A 47 -15.80 24.07 -1.61
C GLN A 47 -17.28 23.76 -1.33
N TYR A 48 -17.52 22.73 -0.51
CA TYR A 48 -18.88 22.25 -0.28
C TYR A 48 -19.52 22.73 1.03
N ASN A 49 -18.81 23.61 1.77
CA ASN A 49 -19.31 24.08 3.07
C ASN A 49 -19.74 22.92 3.96
N VAL A 50 -18.84 21.95 4.07
CA VAL A 50 -19.05 20.77 4.88
C VAL A 50 -17.84 20.64 5.80
N GLN A 51 -17.87 19.67 6.71
CA GLN A 51 -16.68 19.32 7.49
C GLN A 51 -16.42 17.82 7.40
N VAL A 52 -15.15 17.44 7.51
CA VAL A 52 -14.77 16.04 7.45
C VAL A 52 -14.27 15.57 8.83
N VAL A 53 -14.94 14.57 9.40
CA VAL A 53 -14.37 13.83 10.53
C VAL A 53 -13.45 12.75 9.93
N TYR A 54 -12.14 12.93 10.10
CA TYR A 54 -11.14 12.01 9.55
C TYR A 54 -10.54 11.20 10.69
N ASP A 55 -11.09 10.01 10.92
CA ASP A 55 -10.51 9.10 11.91
C ASP A 55 -9.46 8.23 11.22
N ASP A 56 -8.26 8.19 11.77
CA ASP A 56 -7.19 7.39 11.16
C ASP A 56 -7.07 5.99 11.74
N TYR A 57 -6.41 5.10 11.00
CA TYR A 57 -6.13 3.76 11.49
C TYR A 57 -4.74 3.36 11.04
N ALA A 58 -4.12 2.46 11.78
CA ALA A 58 -2.74 2.07 11.55
C ALA A 58 -2.57 0.77 10.76
N SER A 59 -3.69 0.11 10.45
CA SER A 59 -3.70 -1.13 9.66
C SER A 59 -5.09 -1.43 9.13
N ASN A 60 -5.18 -2.21 8.04
CA ASN A 60 -6.48 -2.69 7.55
C ASN A 60 -7.17 -3.68 8.49
N GLU A 61 -6.40 -4.35 9.34
N GLU A 61 -6.39 -4.30 9.36
CA GLU A 61 -7.02 -5.19 10.39
CA GLU A 61 -6.95 -5.22 10.35
C GLU A 61 -7.85 -4.30 11.29
C GLU A 61 -7.70 -4.42 11.44
N ASP A 62 -7.24 -3.21 11.73
CA ASP A 62 -7.89 -2.24 12.64
C ASP A 62 -9.14 -1.58 12.02
N MET A 63 -8.99 -1.11 10.78
CA MET A 63 -10.09 -0.58 9.99
C MET A 63 -11.19 -1.61 9.94
N PHE A 64 -10.81 -2.84 9.58
CA PHE A 64 -11.79 -3.90 9.37
C PHE A 64 -12.60 -4.09 10.64
N ALA A 65 -11.92 -4.06 11.78
CA ALA A 65 -12.54 -4.26 13.10
C ALA A 65 -13.64 -3.28 13.40
N LYS A 66 -13.46 -2.03 12.99
CA LYS A 66 -14.49 -1.01 13.22
C LYS A 66 -15.69 -1.22 12.30
N LEU A 67 -15.43 -1.81 11.13
N LEU A 67 -15.44 -1.79 11.12
CA LEU A 67 -16.45 -2.03 10.11
CA LEU A 67 -16.49 -2.02 10.12
C LEU A 67 -17.03 -3.44 10.13
C LEU A 67 -17.05 -3.44 10.15
N SER A 68 -16.56 -4.25 11.08
CA SER A 68 -17.06 -5.61 11.30
C SER A 68 -18.56 -5.62 11.50
N ILE A 69 -19.19 -6.74 11.16
CA ILE A 69 -20.62 -6.95 11.39
C ILE A 69 -21.08 -6.13 12.63
N GLY A 70 -21.82 -5.06 12.38
CA GLY A 70 -22.37 -4.79 11.05
C GLY A 70 -22.10 -3.40 10.45
N ALA A 71 -22.06 -2.38 11.29
CA ALA A 71 -22.01 -0.99 10.78
C ALA A 71 -21.32 0.01 11.71
N SER A 72 -20.19 0.51 11.23
CA SER A 72 -19.49 1.68 11.76
C SER A 72 -20.33 2.89 11.38
N GLY A 73 -19.91 4.09 11.78
CA GLY A 73 -20.61 5.28 11.31
C GLY A 73 -20.05 5.96 10.07
N TYR A 74 -19.08 5.31 9.41
CA TYR A 74 -18.31 5.98 8.34
C TYR A 74 -18.95 5.99 6.97
N ASP A 75 -18.64 7.02 6.20
CA ASP A 75 -19.15 7.18 4.85
C ASP A 75 -18.14 6.69 3.83
N LEU A 76 -16.85 6.79 4.17
CA LEU A 76 -15.78 6.34 3.27
C LEU A 76 -14.75 5.60 4.09
N VAL A 77 -14.16 4.56 3.51
CA VAL A 77 -13.03 3.83 4.11
C VAL A 77 -12.08 3.52 2.95
N VAL A 78 -10.83 3.20 3.25
CA VAL A 78 -9.84 3.01 2.17
C VAL A 78 -9.06 1.68 2.33
N PRO A 79 -9.68 0.53 1.98
CA PRO A 79 -9.04 -0.77 2.09
C PRO A 79 -8.14 -1.12 0.91
N SER A 80 -7.25 -2.09 1.12
CA SER A 80 -6.34 -2.58 0.08
C SER A 80 -7.09 -3.65 -0.70
N GLY A 81 -6.56 -4.10 -1.84
CA GLY A 81 -7.34 -4.97 -2.75
C GLY A 81 -7.78 -6.27 -2.11
N ASP A 82 -6.89 -6.86 -1.30
CA ASP A 82 -7.27 -8.08 -0.58
C ASP A 82 -8.42 -7.83 0.39
N PHE A 83 -8.41 -6.69 1.08
CA PHE A 83 -9.50 -6.35 1.98
C PHE A 83 -10.77 -5.90 1.27
N VAL A 84 -10.67 -5.39 0.05
CA VAL A 84 -11.94 -5.15 -0.69
C VAL A 84 -12.66 -6.48 -0.98
N SER A 85 -11.88 -7.48 -1.43
CA SER A 85 -12.42 -8.79 -1.77
C SER A 85 -13.01 -9.51 -0.54
N ILE A 86 -12.25 -9.52 0.56
CA ILE A 86 -12.73 -10.05 1.85
C ILE A 86 -14.04 -9.40 2.27
N MET A 87 -14.09 -8.07 2.19
CA MET A 87 -15.25 -7.31 2.68
C MET A 87 -16.48 -7.42 1.77
N LYS A 88 -16.25 -7.61 0.48
CA LYS A 88 -17.35 -7.95 -0.45
C LYS A 88 -18.03 -9.28 -0.07
N ARG A 89 -17.24 -10.29 0.22
CA ARG A 89 -17.81 -11.62 0.52
C ARG A 89 -18.54 -11.67 1.87
N LYS A 90 -18.07 -10.84 2.80
CA LYS A 90 -18.69 -10.66 4.10
C LYS A 90 -19.81 -9.63 4.06
N HIS A 91 -20.06 -9.06 2.87
CA HIS A 91 -21.16 -8.13 2.63
C HIS A 91 -21.09 -6.85 3.46
N LEU A 92 -19.88 -6.31 3.57
CA LEU A 92 -19.63 -5.15 4.43
C LEU A 92 -19.67 -3.80 3.74
N LEU A 93 -19.84 -3.83 2.41
CA LEU A 93 -19.69 -2.65 1.57
C LEU A 93 -20.95 -2.38 0.76
N GLU A 94 -21.18 -1.10 0.45
CA GLU A 94 -22.37 -0.70 -0.32
C GLU A 94 -22.01 -0.47 -1.75
N LYS A 95 -22.94 -0.78 -2.66
CA LYS A 95 -22.74 -0.47 -4.08
C LYS A 95 -22.53 1.03 -4.26
N ILE A 96 -21.63 1.37 -5.17
CA ILE A 96 -21.30 2.75 -5.50
C ILE A 96 -22.06 3.15 -6.77
N ASP A 97 -22.61 4.37 -6.77
CA ASP A 97 -23.31 4.92 -7.91
C ASP A 97 -22.31 5.72 -8.73
N LEU A 98 -21.79 5.11 -9.78
CA LEU A 98 -20.71 5.73 -10.52
C LEU A 98 -21.16 6.95 -11.31
N SER A 99 -22.48 7.13 -11.45
CA SER A 99 -23.00 8.30 -12.18
C SER A 99 -22.69 9.55 -11.35
N LYS A 100 -22.45 9.37 -10.05
CA LYS A 100 -22.14 10.50 -9.17
C LYS A 100 -20.62 10.74 -9.07
N ILE A 101 -19.87 9.94 -9.81
CA ILE A 101 -18.41 10.04 -9.82
C ILE A 101 -17.90 10.07 -11.26
N PRO A 102 -18.28 11.09 -12.03
CA PRO A 102 -17.87 11.14 -13.44
C PRO A 102 -16.35 11.07 -13.64
N ASN A 103 -15.58 11.54 -12.64
CA ASN A 103 -14.10 11.56 -12.73
C ASN A 103 -13.46 10.17 -12.65
N VAL A 104 -14.29 9.16 -12.45
CA VAL A 104 -13.92 7.74 -12.58
C VAL A 104 -13.39 7.48 -14.01
N GLN A 105 -13.73 8.38 -14.94
N GLN A 105 -13.75 8.38 -14.94
CA GLN A 105 -13.21 8.29 -16.30
CA GLN A 105 -13.22 8.36 -16.30
C GLN A 105 -11.70 8.58 -16.39
C GLN A 105 -11.69 8.40 -16.32
N PHE A 106 -11.10 9.02 -15.29
CA PHE A 106 -9.65 9.28 -15.27
C PHE A 106 -8.83 8.06 -14.84
N ILE A 107 -9.52 6.97 -14.53
CA ILE A 107 -8.86 5.74 -14.06
C ILE A 107 -8.28 5.07 -15.30
N LYS A 108 -6.96 4.90 -15.33
CA LYS A 108 -6.26 4.30 -16.47
C LYS A 108 -6.85 2.95 -16.85
N GLU A 109 -6.90 2.63 -18.13
CA GLU A 109 -7.38 1.31 -18.57
C GLU A 109 -6.56 0.16 -17.97
N SER A 110 -5.25 0.38 -17.84
CA SER A 110 -4.33 -0.65 -17.39
C SER A 110 -4.62 -1.04 -15.95
N VAL A 111 -5.10 -0.07 -15.17
CA VAL A 111 -5.49 -0.33 -13.80
C VAL A 111 -6.81 -1.09 -13.75
N ARG A 112 -7.77 -0.67 -14.56
CA ARG A 112 -9.07 -1.36 -14.65
C ARG A 112 -8.89 -2.85 -14.87
N ALA A 113 -7.95 -3.23 -15.73
CA ALA A 113 -7.65 -4.64 -16.02
C ALA A 113 -7.10 -5.44 -14.83
N ARG A 114 -6.31 -4.80 -13.96
CA ARG A 114 -5.68 -5.48 -12.81
C ARG A 114 -6.59 -5.64 -11.59
N ILE A 115 -7.63 -4.82 -11.48
CA ILE A 115 -8.46 -4.83 -10.28
C ILE A 115 -9.56 -5.89 -10.31
N ALA A 116 -9.15 -7.15 -10.40
CA ALA A 116 -10.08 -8.28 -10.53
C ALA A 116 -10.96 -8.55 -9.30
N TYR A 117 -10.64 -7.97 -8.15
CA TYR A 117 -11.49 -8.09 -6.96
C TYR A 117 -12.83 -7.33 -7.16
N ASP A 118 -12.82 -6.31 -8.02
CA ASP A 118 -14.00 -5.44 -8.26
C ASP A 118 -13.84 -4.67 -9.58
N PRO A 119 -13.81 -5.40 -10.71
CA PRO A 119 -13.39 -4.88 -12.02
C PRO A 119 -14.25 -3.74 -12.58
N LYS A 120 -15.52 -3.70 -12.17
CA LYS A 120 -16.46 -2.68 -12.67
C LYS A 120 -16.63 -1.56 -11.63
N MET A 121 -15.84 -1.64 -10.55
CA MET A 121 -15.84 -0.62 -9.48
C MET A 121 -17.23 -0.51 -8.83
N GLU A 122 -17.87 -1.65 -8.65
CA GLU A 122 -19.21 -1.67 -8.11
C GLU A 122 -19.24 -1.41 -6.61
N TYR A 123 -18.12 -1.69 -5.92
CA TYR A 123 -18.06 -1.59 -4.48
C TYR A 123 -16.83 -0.80 -4.08
N SER A 124 -16.03 -0.39 -5.08
CA SER A 124 -14.73 0.25 -4.77
C SER A 124 -14.29 1.16 -5.89
N VAL A 125 -13.54 2.21 -5.57
CA VAL A 125 -12.94 3.03 -6.62
C VAL A 125 -11.48 3.20 -6.28
N PRO A 126 -10.55 2.90 -7.22
CA PRO A 126 -9.13 3.02 -6.85
C PRO A 126 -8.70 4.38 -6.28
N TYR A 127 -7.85 4.33 -5.26
CA TYR A 127 -7.34 5.49 -4.56
C TYR A 127 -5.86 5.68 -4.94
N TYR A 128 -5.08 4.61 -4.90
CA TYR A 128 -3.68 4.67 -5.26
C TYR A 128 -3.15 3.27 -5.46
N LEU A 129 -2.19 3.11 -6.35
CA LEU A 129 -1.53 1.83 -6.59
C LEU A 129 -0.04 2.09 -6.48
N GLY A 130 0.64 1.33 -5.61
CA GLY A 130 2.12 1.51 -5.52
C GLY A 130 2.72 0.20 -5.06
N ALA A 131 3.94 0.26 -4.55
CA ALA A 131 4.57 -0.95 -4.02
C ALA A 131 5.63 -0.54 -3.05
N ALA A 132 5.81 -1.38 -2.04
CA ALA A 132 6.95 -1.27 -1.14
C ALA A 132 8.17 -1.65 -1.93
N GLY A 133 9.32 -1.19 -1.50
CA GLY A 133 10.55 -1.58 -2.15
C GLY A 133 11.68 -1.56 -1.13
N ILE A 134 12.89 -1.27 -1.61
CA ILE A 134 14.07 -1.31 -0.76
C ILE A 134 14.83 -0.02 -0.93
N ALA A 135 15.24 0.56 0.19
CA ALA A 135 16.13 1.72 0.20
C ALA A 135 17.53 1.25 0.57
N VAL A 136 18.55 1.71 -0.17
CA VAL A 136 19.91 1.35 0.14
C VAL A 136 20.67 2.63 0.36
N ASN A 137 21.45 2.69 1.42
CA ASN A 137 22.38 3.80 1.68
C ASN A 137 23.65 3.54 0.85
N LYS A 138 23.78 4.26 -0.25
CA LYS A 138 24.80 4.05 -1.29
C LYS A 138 26.21 4.39 -0.84
N LYS A 139 26.33 5.26 0.16
CA LYS A 139 27.65 5.55 0.71
C LYS A 139 28.11 4.43 1.65
N ALA A 140 27.16 3.78 2.33
CA ALA A 140 27.50 2.67 3.22
C ALA A 140 27.57 1.31 2.50
N VAL A 141 26.82 1.19 1.41
CA VAL A 141 26.81 -0.04 0.61
C VAL A 141 27.06 0.31 -0.84
N PRO A 142 28.34 0.46 -1.25
CA PRO A 142 28.65 0.89 -2.62
C PRO A 142 28.34 -0.14 -3.71
N SER A 143 28.40 -1.42 -3.36
CA SER A 143 28.11 -2.51 -4.32
C SER A 143 26.96 -3.42 -3.86
N TYR A 144 25.93 -3.54 -4.70
CA TYR A 144 24.77 -4.37 -4.36
C TYR A 144 24.00 -4.69 -5.62
N ALA A 145 23.29 -5.82 -5.61
CA ALA A 145 22.34 -6.11 -6.68
C ALA A 145 21.00 -5.60 -6.21
N ARG A 146 20.16 -5.17 -7.15
CA ARG A 146 18.88 -4.53 -6.83
C ARG A 146 17.78 -5.60 -6.76
N THR A 147 17.87 -6.44 -5.74
CA THR A 147 17.06 -7.65 -5.63
C THR A 147 16.75 -7.90 -4.14
N TRP A 148 15.74 -8.72 -3.89
CA TRP A 148 15.39 -9.10 -2.50
C TRP A 148 16.49 -9.86 -1.80
N SER A 149 17.36 -10.53 -2.56
CA SER A 149 18.40 -11.32 -1.96
C SER A 149 19.40 -10.42 -1.23
N ILE A 150 19.20 -9.11 -1.31
CA ILE A 150 20.06 -8.17 -0.56
C ILE A 150 19.94 -8.45 0.94
N PHE A 151 18.80 -9.01 1.34
CA PHE A 151 18.60 -9.33 2.75
C PHE A 151 19.33 -10.58 3.24
N SER A 152 19.95 -11.32 2.32
CA SER A 152 20.77 -12.46 2.70
C SER A 152 22.25 -12.09 2.84
N ARG A 153 22.57 -10.80 2.72
CA ARG A 153 23.96 -10.32 2.83
C ARG A 153 24.45 -10.30 4.27
N LYS A 154 25.31 -11.27 4.59
CA LYS A 154 25.89 -11.39 5.94
C LYS A 154 26.79 -10.24 6.37
N ASP A 155 27.41 -9.57 5.38
CA ASP A 155 28.22 -8.36 5.60
C ASP A 155 27.44 -7.12 6.03
N LEU A 156 26.11 -7.18 5.90
CA LEU A 156 25.20 -6.12 6.34
C LEU A 156 24.34 -6.57 7.54
N ALA A 157 24.67 -7.72 8.12
CA ALA A 157 23.89 -8.27 9.22
C ALA A 157 23.76 -7.29 10.38
N TYR A 158 22.54 -7.21 10.92
CA TYR A 158 22.15 -6.30 12.00
C TYR A 158 22.27 -4.83 11.60
N ARG A 159 22.14 -4.57 10.30
CA ARG A 159 22.06 -3.20 9.80
C ARG A 159 20.96 -3.13 8.75
N MET A 160 20.03 -4.09 8.80
CA MET A 160 18.91 -4.16 7.87
C MET A 160 17.61 -4.42 8.62
N SER A 161 16.50 -4.01 8.02
CA SER A 161 15.18 -4.41 8.47
C SER A 161 14.30 -4.80 7.29
N MET A 162 13.30 -5.64 7.58
CA MET A 162 12.23 -5.88 6.66
C MET A 162 10.96 -5.43 7.33
N MET A 163 9.88 -5.30 6.55
N MET A 163 9.89 -5.30 6.55
CA MET A 163 8.63 -4.78 7.09
CA MET A 163 8.63 -4.80 7.08
C MET A 163 7.91 -5.77 7.98
C MET A 163 8.01 -5.78 8.07
N ASP A 164 7.19 -5.25 8.98
CA ASP A 164 6.44 -6.05 9.93
C ASP A 164 5.06 -6.28 9.30
N ASP A 165 5.08 -6.93 8.15
CA ASP A 165 3.87 -7.20 7.42
C ASP A 165 4.01 -8.55 6.74
N MET A 166 3.07 -9.46 7.05
N MET A 166 3.09 -9.46 7.08
CA MET A 166 3.08 -10.84 6.57
CA MET A 166 3.05 -10.82 6.57
C MET A 166 2.96 -10.99 5.04
C MET A 166 3.05 -10.88 5.05
N ARG A 167 2.03 -10.27 4.44
CA ARG A 167 1.84 -10.39 2.98
C ARG A 167 3.00 -9.78 2.19
N GLU A 168 3.57 -8.69 2.71
CA GLU A 168 4.77 -8.07 2.09
C GLU A 168 6.00 -8.97 2.15
N VAL A 169 6.28 -9.52 3.33
CA VAL A 169 7.49 -10.32 3.53
C VAL A 169 7.37 -11.69 2.86
N MET A 170 6.28 -12.39 3.13
CA MET A 170 6.00 -13.65 2.43
C MET A 170 5.94 -13.44 0.91
N GLY A 171 5.33 -12.33 0.50
CA GLY A 171 5.21 -11.98 -0.92
C GLY A 171 6.55 -11.80 -1.59
N ALA A 172 7.44 -11.05 -0.95
CA ALA A 172 8.81 -10.88 -1.46
C ALA A 172 9.56 -12.21 -1.59
N ALA A 173 9.39 -13.08 -0.60
CA ALA A 173 10.01 -14.41 -0.61
C ALA A 173 9.43 -15.28 -1.73
N LEU A 174 8.10 -15.28 -1.83
CA LEU A 174 7.40 -15.98 -2.92
C LEU A 174 7.85 -15.49 -4.30
N ALA A 175 7.84 -14.16 -4.49
CA ALA A 175 8.32 -13.53 -5.71
C ALA A 175 9.74 -14.01 -6.07
N SER A 176 10.67 -13.86 -5.13
CA SER A 176 12.05 -14.33 -5.32
C SER A 176 12.16 -15.78 -5.78
N LEU A 177 11.33 -16.65 -5.21
CA LEU A 177 11.28 -18.07 -5.58
C LEU A 177 10.45 -18.38 -6.84
N GLY A 178 10.01 -17.34 -7.55
CA GLY A 178 9.28 -17.52 -8.80
C GLY A 178 7.84 -17.97 -8.59
N TYR A 179 7.36 -17.80 -7.37
CA TYR A 179 6.00 -18.19 -7.02
C TYR A 179 5.06 -16.98 -6.93
N ASN A 180 3.77 -17.23 -7.14
CA ASN A 180 2.80 -16.14 -7.06
C ASN A 180 2.73 -15.56 -5.65
N VAL A 181 2.84 -14.25 -5.52
CA VAL A 181 2.75 -13.63 -4.19
C VAL A 181 1.42 -13.93 -3.50
N ASN A 182 0.48 -14.50 -4.26
CA ASN A 182 -0.82 -14.90 -3.71
C ASN A 182 -1.04 -16.40 -3.75
N THR A 183 0.04 -17.16 -3.90
CA THR A 183 -0.05 -18.60 -4.04
C THR A 183 -0.86 -19.27 -2.91
N LYS A 184 -1.49 -20.38 -3.25
CA LYS A 184 -2.27 -21.15 -2.32
C LYS A 184 -1.58 -22.49 -2.10
N ASN A 185 -0.53 -22.72 -2.88
CA ASN A 185 0.29 -23.94 -2.82
C ASN A 185 1.08 -24.02 -1.52
N GLU A 186 0.82 -25.07 -0.76
CA GLU A 186 1.37 -25.22 0.59
C GLU A 186 2.88 -25.45 0.62
N GLN A 187 3.44 -26.18 -0.35
CA GLN A 187 4.90 -26.35 -0.34
C GLN A 187 5.65 -25.10 -0.79
N GLU A 188 4.99 -24.25 -1.58
N GLU A 188 4.99 -24.26 -1.59
CA GLU A 188 5.57 -22.96 -1.98
CA GLU A 188 5.55 -22.96 -1.99
C GLU A 188 5.65 -22.01 -0.80
C GLU A 188 5.67 -22.02 -0.79
N LEU A 189 4.63 -22.02 0.05
CA LEU A 189 4.60 -21.21 1.27
C LEU A 189 5.63 -21.64 2.30
N ALA A 190 5.76 -22.95 2.51
CA ALA A 190 6.79 -23.50 3.38
C ALA A 190 8.19 -23.12 2.89
N GLN A 191 8.40 -23.19 1.58
CA GLN A 191 9.66 -22.81 0.96
C GLN A 191 9.98 -21.33 1.20
N ALA A 192 8.96 -20.49 1.04
CA ALA A 192 9.08 -19.05 1.31
C ALA A 192 9.40 -18.80 2.77
N ALA A 193 8.72 -19.52 3.67
CA ALA A 193 8.99 -19.39 5.11
C ALA A 193 10.43 -19.73 5.48
N ILE A 194 10.96 -20.79 4.88
CA ILE A 194 12.35 -21.20 5.11
C ILE A 194 13.30 -20.13 4.58
N LEU A 195 13.00 -19.57 3.41
CA LEU A 195 13.81 -18.47 2.87
C LEU A 195 13.90 -17.29 3.85
N VAL A 196 12.76 -16.81 4.35
CA VAL A 196 12.75 -15.69 5.30
C VAL A 196 13.45 -16.06 6.60
N THR A 197 13.08 -17.21 7.18
CA THR A 197 13.63 -17.64 8.46
C THR A 197 15.12 -17.92 8.41
N ASP A 198 15.53 -18.72 7.43
CA ASP A 198 16.90 -19.19 7.37
C ASP A 198 17.86 -18.29 6.64
N HIS A 199 17.37 -17.45 5.73
CA HIS A 199 18.27 -16.65 4.87
C HIS A 199 18.23 -15.15 5.09
N TRP A 200 17.06 -14.60 5.40
CA TRP A 200 16.90 -13.16 5.57
C TRP A 200 16.84 -12.75 7.02
N LYS A 201 15.93 -13.35 7.78
CA LYS A 201 15.78 -13.02 9.20
C LYS A 201 17.08 -12.95 10.03
N PRO A 202 18.03 -13.89 9.82
CA PRO A 202 19.27 -13.87 10.61
C PRO A 202 20.11 -12.59 10.45
N ASN A 203 19.88 -11.86 9.36
CA ASN A 203 20.63 -10.64 9.07
C ASN A 203 19.91 -9.37 9.48
N LEU A 204 18.69 -9.52 9.99
CA LEU A 204 17.82 -8.39 10.33
C LEU A 204 17.92 -7.98 11.79
N VAL A 205 17.94 -6.68 12.05
CA VAL A 205 17.73 -6.16 13.42
C VAL A 205 16.36 -6.57 13.92
N LYS A 206 15.35 -6.40 13.06
CA LYS A 206 13.99 -6.75 13.38
C LYS A 206 13.13 -6.57 12.16
N PHE A 207 11.87 -6.95 12.31
CA PHE A 207 10.83 -6.57 11.38
C PHE A 207 10.25 -5.27 11.88
N ASP A 208 10.06 -4.31 10.97
CA ASP A 208 9.73 -2.94 11.37
C ASP A 208 8.96 -2.25 10.25
N SER A 209 7.73 -1.82 10.55
CA SER A 209 6.92 -1.04 9.64
C SER A 209 6.77 0.44 10.05
N ASP A 210 7.32 0.85 11.20
CA ASP A 210 7.13 2.22 11.68
C ASP A 210 8.36 3.01 12.08
N GLY A 211 9.46 2.32 12.36
CA GLY A 211 10.70 2.99 12.76
C GLY A 211 11.81 2.90 11.73
N TYR A 212 11.57 2.19 10.62
CA TYR A 212 12.62 1.87 9.65
C TYR A 212 13.13 3.11 8.92
N ALA A 213 12.25 4.07 8.68
CA ALA A 213 12.63 5.28 7.95
C ALA A 213 13.52 6.19 8.79
N LYS A 214 13.21 6.27 10.08
CA LYS A 214 14.05 7.03 11.03
C LYS A 214 15.38 6.35 11.24
N SER A 215 15.34 5.02 11.40
CA SER A 215 16.56 4.23 11.59
C SER A 215 17.41 4.24 10.33
N PHE A 216 16.75 4.30 9.18
CA PHE A 216 17.48 4.46 7.94
C PHE A 216 18.14 5.86 7.86
N ALA A 217 17.41 6.88 8.31
CA ALA A 217 17.94 8.26 8.30
C ALA A 217 19.16 8.45 9.20
N SER A 218 19.18 7.77 10.34
CA SER A 218 20.34 7.87 11.27
C SER A 218 21.58 7.13 10.76
N GLY A 219 21.38 6.13 9.91
CA GLY A 219 22.48 5.27 9.47
C GLY A 219 22.46 3.94 10.19
N ASP A 220 21.49 3.76 11.09
CA ASP A 220 21.35 2.53 11.86
C ASP A 220 21.00 1.35 10.98
N PHE A 221 20.07 1.54 10.05
CA PHE A 221 19.82 0.54 9.01
C PHE A 221 20.41 1.08 7.73
N VAL A 222 21.16 0.26 6.99
CA VAL A 222 21.76 0.75 5.74
C VAL A 222 21.02 0.20 4.52
N VAL A 223 20.17 -0.79 4.75
CA VAL A 223 19.26 -1.31 3.74
C VAL A 223 17.96 -1.58 4.50
N ALA A 224 16.85 -1.08 3.97
CA ALA A 224 15.56 -1.39 4.61
C ALA A 224 14.45 -1.57 3.62
N HIS A 225 13.53 -2.47 3.96
CA HIS A 225 12.31 -2.71 3.21
C HIS A 225 11.26 -1.65 3.64
N GLY A 226 10.58 -1.03 2.69
CA GLY A 226 9.57 -0.04 3.07
C GLY A 226 9.05 0.84 1.95
N PHE A 227 8.31 1.88 2.33
CA PHE A 227 7.74 2.78 1.35
C PHE A 227 8.63 3.98 1.09
N ALA A 228 8.80 4.27 -0.19
CA ALA A 228 9.64 5.37 -0.66
C ALA A 228 9.27 6.70 0.01
N GLU A 229 7.97 6.97 0.12
CA GLU A 229 7.54 8.23 0.73
C GLU A 229 8.00 8.39 2.18
N ALA A 230 8.13 7.29 2.92
CA ALA A 230 8.65 7.35 4.29
C ALA A 230 10.16 7.60 4.35
N PHE A 231 10.94 6.88 3.56
CA PHE A 231 12.40 7.08 3.52
C PHE A 231 12.72 8.52 3.17
N PHE A 232 12.01 9.05 2.17
CA PHE A 232 12.38 10.37 1.68
C PHE A 232 11.82 11.50 2.54
N ALA A 233 10.67 11.28 3.18
CA ALA A 233 10.12 12.28 4.11
C ALA A 233 11.03 12.42 5.33
N GLU A 234 11.64 11.31 5.71
CA GLU A 234 12.37 11.23 6.97
C GLU A 234 13.87 11.55 6.86
N THR A 235 14.38 11.62 5.63
CA THR A 235 15.80 11.93 5.42
C THR A 235 15.90 13.33 4.83
N PRO A 236 16.83 14.18 5.36
CA PRO A 236 16.94 15.53 4.82
C PRO A 236 17.18 15.51 3.31
N GLU A 237 16.63 16.50 2.62
CA GLU A 237 16.71 16.57 1.15
C GLU A 237 18.18 16.53 0.65
N ALA A 238 19.08 17.12 1.43
CA ALA A 238 20.51 17.13 1.13
C ALA A 238 21.07 15.72 0.96
N MET A 239 20.47 14.76 1.64
CA MET A 239 21.01 13.39 1.70
C MET A 239 20.29 12.40 0.78
N HIS A 240 19.29 12.88 0.07
CA HIS A 240 18.52 12.09 -0.90
C HIS A 240 19.34 11.47 -2.04
N GLU A 241 20.38 12.18 -2.50
CA GLU A 241 21.22 11.68 -3.60
C GLU A 241 21.96 10.40 -3.23
N HIS A 242 22.06 10.14 -1.92
CA HIS A 242 22.78 8.99 -1.41
C HIS A 242 21.88 7.79 -1.23
N ILE A 243 20.59 7.96 -1.51
CA ILE A 243 19.62 6.88 -1.36
C ILE A 243 19.29 6.28 -2.71
N ASP A 244 19.33 4.96 -2.79
CA ASP A 244 18.79 4.27 -3.94
C ASP A 244 17.61 3.51 -3.42
N PHE A 245 16.42 3.95 -3.81
CA PHE A 245 15.21 3.25 -3.53
C PHE A 245 14.84 2.56 -4.83
N PHE A 246 14.49 1.29 -4.75
CA PHE A 246 14.04 0.52 -5.91
C PHE A 246 13.03 -0.53 -5.51
N ILE A 247 12.13 -0.83 -6.42
CA ILE A 247 11.29 -2.01 -6.29
C ILE A 247 11.96 -3.03 -7.20
N PRO A 248 12.38 -4.21 -6.66
CA PRO A 248 13.09 -5.19 -7.47
C PRO A 248 12.32 -5.56 -8.75
N GLN A 249 13.03 -5.51 -9.88
CA GLN A 249 12.41 -5.63 -11.20
C GLN A 249 12.63 -6.99 -11.86
N ASP A 250 13.49 -7.82 -11.26
CA ASP A 250 13.82 -9.13 -11.84
C ASP A 250 12.84 -10.24 -11.44
N VAL A 251 11.87 -9.87 -10.60
CA VAL A 251 10.83 -10.77 -10.11
C VAL A 251 9.49 -10.03 -10.04
N ALA A 252 8.40 -10.76 -9.83
CA ALA A 252 7.07 -10.14 -9.72
C ALA A 252 6.81 -9.71 -8.28
N SER A 253 7.49 -8.66 -7.85
CA SER A 253 7.38 -8.15 -6.48
C SER A 253 5.95 -7.77 -6.12
N PRO A 254 5.58 -7.91 -4.84
CA PRO A 254 4.22 -7.54 -4.42
C PRO A 254 3.91 -6.05 -4.62
N VAL A 255 2.71 -5.81 -5.17
CA VAL A 255 2.18 -4.49 -5.46
C VAL A 255 0.85 -4.36 -4.68
N TYR A 256 0.48 -3.15 -4.27
CA TYR A 256 -0.81 -2.94 -3.58
C TYR A 256 -1.71 -1.98 -4.34
N VAL A 257 -3.02 -2.15 -4.21
CA VAL A 257 -3.97 -1.12 -4.63
C VAL A 257 -4.91 -0.82 -3.46
N ASP A 258 -4.97 0.47 -3.08
CA ASP A 258 -5.93 0.98 -2.07
C ASP A 258 -7.11 1.64 -2.81
N SER A 259 -8.32 1.57 -2.24
CA SER A 259 -9.57 2.01 -2.90
C SER A 259 -10.46 2.71 -1.94
N PHE A 260 -11.28 3.64 -2.42
CA PHE A 260 -12.43 4.15 -1.68
C PHE A 260 -13.54 3.12 -1.70
N CYS A 261 -14.12 2.89 -0.52
CA CYS A 261 -15.30 2.06 -0.41
C CYS A 261 -16.30 2.76 0.47
N ILE A 262 -17.59 2.44 0.27
CA ILE A 262 -18.62 3.03 1.10
C ILE A 262 -19.08 1.97 2.11
N PRO A 263 -18.81 2.17 3.43
CA PRO A 263 -19.19 1.15 4.41
C PRO A 263 -20.70 0.92 4.48
N LYS A 264 -21.12 -0.32 4.73
CA LYS A 264 -22.53 -0.61 4.99
C LYS A 264 -23.05 0.34 6.07
N GLY A 265 -24.23 0.90 5.84
CA GLY A 265 -24.86 1.82 6.78
C GLY A 265 -24.41 3.27 6.70
N ALA A 266 -23.65 3.62 5.67
CA ALA A 266 -23.19 5.01 5.47
C ALA A 266 -24.36 5.99 5.48
N ARG A 267 -24.26 7.02 6.33
CA ARG A 267 -25.35 8.00 6.52
C ARG A 267 -25.36 9.08 5.46
N ASN A 268 -24.19 9.39 4.90
CA ASN A 268 -24.06 10.43 3.87
C ASN A 268 -23.43 9.92 2.58
N ARG A 269 -24.17 9.14 1.81
CA ARG A 269 -23.66 8.61 0.55
C ARG A 269 -23.38 9.73 -0.46
N ASP A 270 -24.20 10.78 -0.43
CA ASP A 270 -23.99 11.91 -1.35
C ASP A 270 -22.64 12.60 -1.18
N LEU A 271 -22.24 12.84 0.07
CA LEU A 271 -20.91 13.39 0.30
C LEU A 271 -19.79 12.38 0.07
N ALA A 272 -20.07 11.10 0.31
CA ALA A 272 -19.07 10.07 0.03
C ALA A 272 -18.70 10.04 -1.45
N HIS A 273 -19.71 10.07 -2.32
CA HIS A 273 -19.45 10.05 -3.75
C HIS A 273 -18.77 11.36 -4.18
N ALA A 274 -19.17 12.46 -3.58
CA ALA A 274 -18.69 13.78 -3.94
C ALA A 274 -17.22 13.90 -3.60
N PHE A 275 -16.83 13.26 -2.51
CA PHE A 275 -15.43 13.29 -2.13
C PHE A 275 -14.56 12.44 -3.04
N ILE A 276 -15.02 11.25 -3.42
CA ILE A 276 -14.27 10.43 -4.37
C ILE A 276 -14.12 11.19 -5.69
N ASN A 277 -15.22 11.79 -6.14
CA ASN A 277 -15.22 12.60 -7.34
C ASN A 277 -14.23 13.78 -7.23
N PHE A 278 -14.20 14.44 -6.07
CA PHE A 278 -13.29 15.56 -5.79
C PHE A 278 -11.82 15.11 -5.82
N PHE A 279 -11.56 13.98 -5.17
CA PHE A 279 -10.19 13.47 -5.03
C PHE A 279 -9.60 13.11 -6.40
N LEU A 280 -10.47 12.64 -7.30
CA LEU A 280 -10.08 12.26 -8.65
C LEU A 280 -10.07 13.43 -9.66
N GLU A 281 -10.38 14.64 -9.21
CA GLU A 281 -10.14 15.83 -10.03
C GLU A 281 -8.62 15.92 -10.27
N PRO A 282 -8.20 16.11 -11.53
CA PRO A 282 -6.79 16.03 -11.96
C PRO A 282 -5.79 16.82 -11.11
N ALA A 283 -6.13 18.08 -10.82
CA ALA A 283 -5.25 18.92 -10.00
C ALA A 283 -5.20 18.49 -8.55
N HIS A 284 -6.33 17.98 -8.05
N HIS A 284 -6.35 18.01 -8.05
CA HIS A 284 -6.47 17.53 -6.68
CA HIS A 284 -6.48 17.52 -6.68
C HIS A 284 -5.86 16.15 -6.45
C HIS A 284 -5.70 16.22 -6.54
N TYR A 285 -5.93 15.30 -7.48
CA TYR A 285 -5.21 14.04 -7.48
C TYR A 285 -3.71 14.26 -7.58
N ALA A 286 -3.30 15.20 -8.43
CA ALA A 286 -1.89 15.54 -8.55
C ALA A 286 -1.34 16.10 -7.24
N GLU A 287 -2.12 16.92 -6.53
CA GLU A 287 -1.72 17.40 -5.21
C GLU A 287 -1.54 16.26 -4.20
N PHE A 288 -2.40 15.24 -4.30
CA PHE A 288 -2.26 14.02 -3.51
C PHE A 288 -0.94 13.32 -3.82
N LEU A 289 -0.64 13.11 -5.09
CA LEU A 289 0.57 12.38 -5.48
C LEU A 289 1.83 13.11 -5.07
N ASP A 290 1.81 14.43 -5.24
CA ASP A 290 2.96 15.30 -4.95
C ASP A 290 3.27 15.35 -3.46
N THR A 291 2.24 15.13 -2.63
CA THR A 291 2.40 15.12 -1.19
C THR A 291 3.40 14.04 -0.78
N PHE A 292 3.42 12.93 -1.53
CA PHE A 292 4.21 11.74 -1.19
C PHE A 292 5.30 11.36 -2.18
N GLY A 293 5.40 12.08 -3.30
CA GLY A 293 6.35 11.72 -4.35
C GLY A 293 5.92 10.51 -5.16
N PHE A 294 4.61 10.31 -5.25
CA PHE A 294 4.02 9.21 -5.99
C PHE A 294 3.94 9.52 -7.48
N PRO A 295 4.11 8.50 -8.34
CA PRO A 295 3.81 8.66 -9.75
C PRO A 295 2.33 8.47 -9.99
N SER A 296 1.83 8.91 -11.14
CA SER A 296 0.42 8.78 -11.42
C SER A 296 0.14 7.39 -11.97
N THR A 297 0.14 6.39 -11.09
CA THR A 297 -0.13 5.00 -11.47
C THR A 297 -1.55 4.72 -11.94
N ILE A 298 -2.54 5.46 -11.42
CA ILE A 298 -3.94 5.12 -11.74
C ILE A 298 -4.68 6.15 -12.58
N HIS A 299 -4.11 7.34 -12.72
CA HIS A 299 -4.85 8.51 -13.16
C HIS A 299 -4.27 9.01 -14.47
N ARG A 300 -5.10 9.10 -15.50
CA ARG A 300 -4.57 9.46 -16.81
C ARG A 300 -4.30 10.94 -17.08
N GLU A 301 -4.69 11.81 -16.17
CA GLU A 301 -4.46 13.25 -16.33
C GLU A 301 -3.44 13.78 -15.34
N ALA A 302 -3.40 13.19 -14.14
CA ALA A 302 -2.76 13.84 -13.01
C ALA A 302 -1.27 14.17 -13.16
N ALA A 303 -0.52 13.36 -13.90
CA ALA A 303 0.91 13.60 -14.08
C ALA A 303 1.24 14.97 -14.71
N ALA A 304 0.35 15.45 -15.57
CA ALA A 304 0.49 16.75 -16.26
C ALA A 304 0.35 17.94 -15.31
N TYR A 305 -0.19 17.66 -14.14
CA TYR A 305 -0.59 18.65 -13.15
C TYR A 305 0.35 18.60 -11.95
N GLN A 306 1.25 17.61 -11.94
CA GLN A 306 2.14 17.39 -10.81
C GLN A 306 3.31 18.38 -10.80
N LYS A 307 3.71 18.78 -9.58
CA LYS A 307 4.86 19.63 -9.37
C LYS A 307 6.07 18.83 -8.89
N LYS A 308 5.86 17.60 -8.44
CA LYS A 308 6.93 16.80 -7.86
C LYS A 308 7.34 15.62 -8.75
N THR A 309 8.65 15.48 -8.94
CA THR A 309 9.25 14.30 -9.57
C THR A 309 9.07 13.07 -8.67
N PRO A 310 8.40 12.02 -9.16
CA PRO A 310 8.11 10.84 -8.34
C PRO A 310 9.38 10.07 -7.90
N TYR A 311 9.28 9.42 -6.74
CA TYR A 311 10.37 8.62 -6.18
C TYR A 311 10.56 7.30 -6.90
N TYR A 312 9.51 6.86 -7.57
CA TYR A 312 9.60 5.74 -8.51
C TYR A 312 8.62 6.04 -9.65
N SER A 313 8.81 5.39 -10.80
CA SER A 313 7.91 5.61 -11.94
C SER A 313 6.79 4.59 -11.93
N GLU A 314 5.75 4.83 -12.71
CA GLU A 314 4.60 3.94 -12.79
C GLU A 314 4.97 2.67 -13.51
N HIS A 315 6.03 2.76 -14.34
CA HIS A 315 6.52 1.62 -15.08
C HIS A 315 7.22 0.62 -14.16
N ASP A 316 7.60 1.05 -12.97
CA ASP A 316 8.20 0.18 -11.95
C ASP A 316 7.20 -0.77 -11.32
N LEU A 317 5.91 -0.56 -11.60
CA LEU A 317 4.86 -1.37 -11.03
C LEU A 317 4.27 -2.40 -12.00
N GLU A 318 4.76 -2.39 -13.23
CA GLU A 318 4.22 -3.21 -14.30
C GLU A 318 4.48 -4.71 -14.09
N ARG A 319 5.73 -5.04 -13.78
CA ARG A 319 6.19 -6.43 -13.63
C ARG A 319 5.69 -7.10 -12.34
N GLY A 320 5.29 -6.29 -11.38
CA GLY A 320 4.90 -6.75 -10.05
C GLY A 320 3.55 -7.40 -10.02
N THR A 321 3.23 -8.06 -8.90
CA THR A 321 1.98 -8.77 -8.74
C THR A 321 1.13 -8.13 -7.66
N LEU A 322 -0.10 -7.77 -8.02
CA LEU A 322 -1.05 -7.18 -7.09
C LEU A 322 -1.41 -8.17 -5.99
N LYS A 323 -1.28 -7.77 -4.73
CA LYS A 323 -1.66 -8.64 -3.60
C LYS A 323 -3.17 -8.78 -3.56
N THR A 324 -3.63 -10.02 -3.47
CA THR A 324 -5.05 -10.28 -3.56
C THR A 324 -5.50 -11.10 -2.36
N ASP A 325 -6.80 -11.28 -2.26
N ASP A 325 -6.81 -11.27 -2.26
CA ASP A 325 -7.37 -12.15 -1.27
CA ASP A 325 -7.45 -12.18 -1.32
C ASP A 325 -7.05 -13.62 -1.59
C ASP A 325 -7.03 -13.63 -1.62
N VAL A 326 -6.34 -14.26 -0.67
CA VAL A 326 -5.95 -15.68 -0.81
C VAL A 326 -6.97 -16.68 -0.23
N GLY A 327 -8.01 -16.15 0.41
CA GLY A 327 -9.06 -17.00 1.01
C GLY A 327 -8.49 -17.83 2.16
N ALA A 328 -8.88 -19.10 2.23
CA ALA A 328 -8.43 -19.99 3.28
C ALA A 328 -6.90 -20.09 3.31
N ALA A 329 -6.29 -20.03 2.13
CA ALA A 329 -4.84 -20.10 2.02
C ALA A 329 -4.18 -19.15 3.02
N ILE A 330 -5.00 -18.42 3.76
CA ILE A 330 -4.51 -17.48 4.75
C ILE A 330 -4.01 -18.19 6.00
N GLU A 331 -4.66 -19.29 6.35
CA GLU A 331 -4.27 -20.06 7.53
C GLU A 331 -2.84 -20.57 7.47
N HIS A 332 -2.37 -20.89 6.25
CA HIS A 332 -1.00 -21.34 6.06
C HIS A 332 -0.04 -20.17 6.14
N TYR A 333 -0.43 -19.04 5.56
CA TYR A 333 0.33 -17.81 5.69
C TYR A 333 0.50 -17.43 7.17
N ASN A 334 -0.61 -17.44 7.91
CA ASN A 334 -0.58 -17.12 9.35
C ASN A 334 0.37 -17.98 10.17
N ALA A 335 0.32 -19.29 9.91
CA ALA A 335 1.08 -20.30 10.65
C ALA A 335 2.56 -20.17 10.40
N HIS A 336 2.94 -19.89 9.15
CA HIS A 336 4.34 -19.66 8.83
C HIS A 336 4.80 -18.30 9.38
N TRP A 337 3.96 -17.28 9.23
CA TRP A 337 4.35 -15.94 9.67
C TRP A 337 4.52 -15.80 11.18
N ASN A 338 3.60 -16.34 11.96
N ASN A 338 3.62 -16.34 11.99
CA ASN A 338 3.71 -16.26 13.42
CA ASN A 338 3.77 -16.21 13.43
C ASN A 338 5.01 -16.90 13.95
C ASN A 338 5.06 -16.86 13.93
N ALA A 339 5.51 -17.90 13.22
CA ALA A 339 6.77 -18.55 13.52
C ALA A 339 7.95 -17.65 13.12
N VAL A 340 7.91 -17.11 11.91
CA VAL A 340 8.91 -16.13 11.45
C VAL A 340 8.98 -14.94 12.41
N ARG A 341 7.81 -14.46 12.83
CA ARG A 341 7.69 -13.17 13.48
C ARG A 341 7.90 -13.22 14.99
N PHE A 342 7.51 -14.32 15.63
CA PHE A 342 7.57 -14.42 17.10
C PHE A 342 8.52 -15.49 17.64
N ARG A 343 9.28 -16.13 16.76
CA ARG A 343 10.31 -17.08 17.20
C ARG A 343 11.68 -16.48 16.93
#